data_3IGS
#
_entry.id   3IGS
#
_cell.length_a   183.29
_cell.length_b   63.32
_cell.length_c   41.80
_cell.angle_alpha   90.00
_cell.angle_beta   91.28
_cell.angle_gamma   90.00
#
_symmetry.space_group_name_H-M   'C 1 2 1'
#
loop_
_entity.id
_entity.type
_entity.pdbx_description
1 polymer 'N-acetylmannosamine-6-phosphate 2-epimerase 2'
2 non-polymer 2-acetamido-2-deoxy-6-O-phosphono-alpha-D-glucopyranose
3 non-polymer 'SULFATE ION'
4 non-polymer 'CHLORIDE ION'
5 water water
#
_entity_poly.entity_id   1
_entity_poly.type   'polypeptide(L)'
_entity_poly.pdbx_seq_one_letter_code
;SNA(MSE)SLLEQLDKNIAASGGLIVSCQPVPGSPLDKPEIVAA(MSE)ALAAEQAGAVAVRIEGIDNLR(MSE)TRSLV
SVPIIGIIKRDLDESPVRITPFLDDVDALAQAGAAIIAVDGTARQRPVAVEALLARIHHHHLLT(MSE)ADCSSVDDGLA
CQRLGADIIGTT(MSE)SGYTTPDTPEEPDLPLVKALHDAGCRVIAEGRYNSPALAAEAIRYGAWAVTVGSAITRLEHIC
GWYNDALKKAAS
;
_entity_poly.pdbx_strand_id   A,B
#
loop_
_chem_comp.id
_chem_comp.type
_chem_comp.name
_chem_comp.formula
16G D-saccharide, alpha linking 2-acetamido-2-deoxy-6-O-phosphono-alpha-D-glucopyranose 'C8 H16 N O9 P'
CL non-polymer 'CHLORIDE ION' 'Cl -1'
SO4 non-polymer 'SULFATE ION' 'O4 S -2'
#
# COMPACT_ATOMS: atom_id res chain seq x y z
N ALA A 3 0.50 -33.57 13.24
CA ALA A 3 -0.40 -32.38 13.38
C ALA A 3 0.09 -31.45 14.47
N MSE A 4 0.53 -30.25 14.10
N MSE A 4 0.48 -30.24 14.06
CA MSE A 4 0.98 -29.30 15.11
CA MSE A 4 0.97 -29.18 14.94
C MSE A 4 -0.02 -28.15 15.29
C MSE A 4 -0.18 -28.26 15.30
O MSE A 4 -0.59 -27.67 14.33
O MSE A 4 -1.05 -28.01 14.47
CB MSE A 4 2.40 -28.77 14.82
CB MSE A 4 2.06 -28.40 14.19
CG MSE A 4 3.07 -28.11 16.01
CG MSE A 4 2.86 -27.40 15.01
SE MSE A 4 4.93 -28.66 16.28
SE MSE A 4 4.62 -27.05 14.25
CE MSE A 4 4.60 -30.53 16.76
CE MSE A 4 4.14 -26.61 12.41
N SER A 5 -0.24 -27.76 16.54
CA SER A 5 -1.26 -26.76 16.89
C SER A 5 -1.04 -25.51 16.05
N LEU A 6 -2.11 -24.75 15.87
CA LEU A 6 -2.06 -23.57 15.05
C LEU A 6 -1.06 -22.55 15.61
N LEU A 7 -1.05 -22.41 16.93
CA LEU A 7 -0.11 -21.51 17.59
C LEU A 7 1.33 -21.96 17.34
N GLU A 8 1.57 -23.26 17.43
CA GLU A 8 2.91 -23.80 17.21
C GLU A 8 3.34 -23.62 15.75
N GLN A 9 2.40 -23.78 14.82
CA GLN A 9 2.66 -23.47 13.41
C GLN A 9 3.00 -22.00 13.17
N LEU A 10 2.19 -21.11 13.74
CA LEU A 10 2.50 -19.69 13.66
C LEU A 10 3.88 -19.35 14.26
N ASP A 11 4.23 -19.94 15.41
CA ASP A 11 5.55 -19.75 16.02
C ASP A 11 6.65 -20.02 14.96
N LYS A 12 6.52 -21.16 14.28
CA LYS A 12 7.55 -21.52 13.32
CA LYS A 12 7.46 -21.59 13.24
C LYS A 12 7.53 -20.60 12.09
N ASN A 13 6.34 -20.22 11.61
CA ASN A 13 6.27 -19.35 10.46
C ASN A 13 6.73 -17.92 10.73
N ILE A 14 6.48 -17.43 11.94
CA ILE A 14 7.02 -16.15 12.35
C ILE A 14 8.57 -16.17 12.34
N ALA A 15 9.16 -17.21 12.91
CA ALA A 15 10.62 -17.32 12.89
C ALA A 15 11.17 -17.34 11.46
N ALA A 16 10.48 -18.04 10.57
CA ALA A 16 10.97 -18.25 9.21
C ALA A 16 10.78 -17.04 8.33
N SER A 17 9.61 -16.41 8.44
CA SER A 17 9.19 -15.39 7.50
C SER A 17 9.27 -13.95 8.01
N GLY A 18 9.14 -13.76 9.33
CA GLY A 18 9.19 -12.44 9.90
C GLY A 18 8.09 -12.19 10.91
N GLY A 19 6.86 -12.60 10.58
CA GLY A 19 5.77 -12.35 11.53
C GLY A 19 4.83 -11.22 11.13
N LEU A 20 4.69 -10.99 9.84
CA LEU A 20 3.75 -9.98 9.35
C LEU A 20 2.35 -10.55 9.24
N ILE A 21 1.38 -9.84 9.78
CA ILE A 21 -0.02 -10.19 9.59
C ILE A 21 -0.61 -9.01 8.85
N VAL A 22 -1.29 -9.26 7.73
CA VAL A 22 -1.86 -8.17 6.95
C VAL A 22 -3.34 -8.08 7.21
N SER A 23 -3.78 -6.91 7.67
CA SER A 23 -5.19 -6.66 7.87
C SER A 23 -5.69 -6.16 6.53
N CYS A 24 -6.56 -6.94 5.90
CA CYS A 24 -7.02 -6.64 4.53
C CYS A 24 -8.37 -5.95 4.59
N GLN A 25 -8.36 -4.71 5.05
CA GLN A 25 -9.60 -3.95 5.25
C GLN A 25 -9.49 -2.64 4.44
N PRO A 26 -10.02 -2.63 3.21
CA PRO A 26 -9.97 -1.40 2.44
C PRO A 26 -10.82 -0.32 3.07
N VAL A 27 -10.65 0.90 2.55
CA VAL A 27 -11.48 2.03 3.02
C VAL A 27 -12.94 1.77 2.64
N PRO A 28 -13.86 1.96 3.60
CA PRO A 28 -15.27 1.83 3.28
C PRO A 28 -15.68 2.76 2.12
N GLY A 29 -16.43 2.21 1.16
CA GLY A 29 -16.82 2.96 -0.02
C GLY A 29 -15.82 2.94 -1.17
N SER A 30 -14.60 2.47 -0.90
CA SER A 30 -13.56 2.47 -1.91
C SER A 30 -13.94 1.58 -3.07
N PRO A 31 -13.47 1.92 -4.28
CA PRO A 31 -13.55 1.00 -5.40
C PRO A 31 -12.89 -0.35 -5.06
N LEU A 32 -11.96 -0.34 -4.10
CA LEU A 32 -11.24 -1.58 -3.75
C LEU A 32 -11.97 -2.37 -2.67
N ASP A 33 -13.05 -1.81 -2.11
CA ASP A 33 -13.81 -2.51 -1.06
C ASP A 33 -14.86 -3.45 -1.66
N LYS A 34 -14.38 -4.58 -2.17
CA LYS A 34 -15.21 -5.63 -2.75
C LYS A 34 -14.70 -6.95 -2.22
N PRO A 35 -15.58 -7.91 -1.87
CA PRO A 35 -15.07 -9.16 -1.29
C PRO A 35 -14.04 -9.88 -2.16
N GLU A 36 -14.22 -9.86 -3.48
CA GLU A 36 -13.28 -10.53 -4.37
C GLU A 36 -11.91 -9.85 -4.31
N ILE A 37 -11.89 -8.53 -4.10
CA ILE A 37 -10.61 -7.82 -4.02
C ILE A 37 -9.97 -8.06 -2.65
N VAL A 38 -10.76 -8.07 -1.59
CA VAL A 38 -10.22 -8.37 -0.28
C VAL A 38 -9.57 -9.75 -0.27
N ALA A 39 -10.25 -10.72 -0.89
CA ALA A 39 -9.73 -12.07 -0.92
C ALA A 39 -8.44 -12.11 -1.73
N ALA A 40 -8.38 -11.33 -2.82
CA ALA A 40 -7.17 -11.27 -3.62
C ALA A 40 -6.01 -10.63 -2.83
N MSE A 41 -6.30 -9.60 -2.04
CA MSE A 41 -5.29 -8.98 -1.19
C MSE A 41 -4.77 -10.00 -0.20
O MSE A 41 -3.56 -10.07 0.04
CB MSE A 41 -5.85 -7.80 -0.40
CG MSE A 41 -6.20 -6.59 -1.22
SE MSE A 41 -7.07 -5.32 -0.07
CE MSE A 41 -7.43 -3.89 -1.35
N ALA A 42 -5.66 -10.78 0.40
CA ALA A 42 -5.26 -11.78 1.40
C ALA A 42 -4.39 -12.88 0.78
N LEU A 43 -4.77 -13.38 -0.40
CA LEU A 43 -3.96 -14.36 -1.11
C LEU A 43 -2.59 -13.78 -1.50
N ALA A 44 -2.58 -12.55 -2.02
CA ALA A 44 -1.32 -11.88 -2.34
C ALA A 44 -0.43 -11.77 -1.09
N ALA A 45 -1.04 -11.42 0.04
CA ALA A 45 -0.30 -11.34 1.30
C ALA A 45 0.30 -12.69 1.68
N GLU A 46 -0.50 -13.74 1.60
CA GLU A 46 0.00 -15.09 1.82
C GLU A 46 1.16 -15.42 0.89
N GLN A 47 1.02 -15.13 -0.41
CA GLN A 47 2.10 -15.44 -1.36
C GLN A 47 3.39 -14.68 -1.00
N ALA A 48 3.25 -13.50 -0.42
CA ALA A 48 4.36 -12.61 -0.06
C ALA A 48 4.93 -12.92 1.33
N GLY A 49 4.44 -13.98 1.98
CA GLY A 49 5.02 -14.42 3.24
C GLY A 49 4.35 -13.98 4.52
N ALA A 50 3.18 -13.34 4.43
CA ALA A 50 2.42 -13.06 5.65
C ALA A 50 2.07 -14.35 6.38
N VAL A 51 2.07 -14.31 7.71
CA VAL A 51 1.80 -15.53 8.48
C VAL A 51 0.32 -15.69 8.78
N ALA A 52 -0.44 -14.60 8.67
CA ALA A 52 -1.90 -14.65 8.87
C ALA A 52 -2.46 -13.41 8.24
N VAL A 53 -3.78 -13.35 8.13
CA VAL A 53 -4.46 -12.13 7.67
C VAL A 53 -5.60 -11.82 8.64
N ARG A 54 -5.93 -10.53 8.75
CA ARG A 54 -7.13 -10.12 9.49
C ARG A 54 -8.19 -9.69 8.47
N ILE A 55 -9.38 -10.24 8.62
CA ILE A 55 -10.47 -9.98 7.67
C ILE A 55 -11.69 -9.56 8.47
N GLU A 56 -12.37 -8.53 7.97
CA GLU A 56 -13.58 -8.02 8.62
C GLU A 56 -14.79 -8.26 7.76
N GLY A 57 -15.85 -8.79 8.38
CA GLY A 57 -17.11 -8.98 7.68
C GLY A 57 -17.30 -10.36 7.10
N ILE A 58 -18.54 -10.84 7.14
CA ILE A 58 -18.83 -12.21 6.67
C ILE A 58 -18.68 -12.38 5.16
N ASP A 59 -19.13 -11.42 4.37
CA ASP A 59 -18.93 -11.57 2.92
C ASP A 59 -17.43 -11.68 2.59
N ASN A 60 -16.61 -10.83 3.20
CA ASN A 60 -15.18 -10.87 2.96
C ASN A 60 -14.57 -12.16 3.45
N LEU A 61 -15.04 -12.63 4.61
CA LEU A 61 -14.49 -13.87 5.17
C LEU A 61 -14.80 -15.06 4.30
N ARG A 62 -16.05 -15.16 3.84
CA ARG A 62 -16.44 -16.31 3.03
C ARG A 62 -15.60 -16.34 1.75
N MSE A 63 -15.37 -15.18 1.14
CA MSE A 63 -14.60 -15.15 -0.11
C MSE A 63 -13.12 -15.48 0.15
O MSE A 63 -12.49 -16.16 -0.67
CB MSE A 63 -14.73 -13.76 -0.75
CG MSE A 63 -14.33 -13.66 -2.19
SE MSE A 63 -15.57 -14.64 -3.36
CE MSE A 63 -17.16 -13.54 -3.15
N THR A 64 -12.58 -15.01 1.26
CA THR A 64 -11.18 -15.20 1.58
C THR A 64 -10.87 -16.64 1.96
N ARG A 65 -11.78 -17.24 2.72
CA ARG A 65 -11.62 -18.62 3.19
C ARG A 65 -11.28 -19.57 2.05
N SER A 66 -11.93 -19.36 0.91
CA SER A 66 -11.73 -20.22 -0.25
C SER A 66 -10.32 -20.20 -0.84
N LEU A 67 -9.63 -19.08 -0.67
CA LEU A 67 -8.36 -18.88 -1.35
C LEU A 67 -7.12 -19.06 -0.50
N VAL A 68 -7.25 -18.78 0.81
CA VAL A 68 -6.05 -18.75 1.62
C VAL A 68 -5.87 -19.98 2.49
N SER A 69 -4.63 -20.29 2.82
CA SER A 69 -4.35 -21.38 3.74
C SER A 69 -3.79 -20.91 5.09
N VAL A 70 -3.28 -19.68 5.16
CA VAL A 70 -2.82 -19.14 6.43
C VAL A 70 -4.04 -18.89 7.34
N PRO A 71 -3.81 -18.83 8.67
CA PRO A 71 -4.91 -18.57 9.57
C PRO A 71 -5.52 -17.20 9.31
N ILE A 72 -6.85 -17.15 9.40
CA ILE A 72 -7.60 -15.91 9.31
C ILE A 72 -8.05 -15.46 10.70
N ILE A 73 -7.71 -14.23 11.05
CA ILE A 73 -8.24 -13.58 12.25
C ILE A 73 -9.49 -12.85 11.79
N GLY A 74 -10.65 -13.29 12.26
CA GLY A 74 -11.89 -12.68 11.81
C GLY A 74 -12.47 -11.71 12.83
N ILE A 75 -13.08 -10.65 12.32
CA ILE A 75 -13.81 -9.69 13.13
C ILE A 75 -15.03 -9.21 12.38
N ILE A 76 -16.01 -8.68 13.13
CA ILE A 76 -17.10 -7.93 12.51
C ILE A 76 -17.12 -6.58 13.17
N LYS A 77 -17.01 -5.50 12.39
CA LYS A 77 -17.12 -4.15 12.98
C LYS A 77 -18.53 -3.62 12.91
N ARG A 78 -18.98 -3.07 14.03
CA ARG A 78 -20.33 -2.48 14.09
C ARG A 78 -20.29 -1.14 14.76
N ASP A 79 -21.21 -0.27 14.36
CA ASP A 79 -21.41 0.96 15.10
C ASP A 79 -22.69 0.81 15.92
N LEU A 80 -22.51 0.79 17.24
CA LEU A 80 -23.60 0.63 18.18
C LEU A 80 -24.21 1.99 18.49
N ASP A 81 -25.47 2.04 18.94
CA ASP A 81 -26.10 3.34 19.11
CA ASP A 81 -26.13 3.33 19.15
C ASP A 81 -25.42 4.17 20.21
N GLU A 82 -25.13 3.52 21.34
CA GLU A 82 -24.51 4.21 22.48
C GLU A 82 -23.06 3.79 22.75
N SER A 83 -22.81 2.48 22.82
CA SER A 83 -21.47 1.98 23.14
C SER A 83 -20.47 2.37 22.09
N PRO A 84 -19.24 2.70 22.52
CA PRO A 84 -18.21 3.01 21.56
C PRO A 84 -17.50 1.78 21.02
N VAL A 85 -17.80 0.61 21.58
CA VAL A 85 -17.13 -0.62 21.11
C VAL A 85 -17.54 -0.95 19.67
N ARG A 86 -16.57 -1.32 18.83
CA ARG A 86 -16.87 -1.66 17.45
C ARG A 86 -16.46 -3.08 17.04
N ILE A 87 -15.42 -3.60 17.64
CA ILE A 87 -14.84 -4.86 17.15
C ILE A 87 -15.52 -6.06 17.78
N THR A 88 -16.30 -6.77 16.95
CA THR A 88 -16.98 -8.01 17.29
C THR A 88 -17.74 -7.96 18.62
N PRO A 89 -18.75 -7.10 18.68
CA PRO A 89 -19.37 -6.84 20.00
C PRO A 89 -20.38 -7.88 20.47
N PHE A 90 -20.94 -8.67 19.55
CA PHE A 90 -22.09 -9.52 19.89
C PHE A 90 -21.75 -11.00 19.84
N LEU A 91 -22.43 -11.78 20.67
CA LEU A 91 -22.29 -13.24 20.59
C LEU A 91 -22.64 -13.80 19.20
N ASP A 92 -23.69 -13.27 18.57
CA ASP A 92 -24.05 -13.74 17.22
C ASP A 92 -22.94 -13.44 16.22
N ASP A 93 -22.13 -12.41 16.47
CA ASP A 93 -21.00 -12.10 15.57
C ASP A 93 -19.90 -13.14 15.73
N VAL A 94 -19.60 -13.48 16.97
CA VAL A 94 -18.68 -14.62 17.21
C VAL A 94 -19.14 -15.87 16.51
N ASP A 95 -20.42 -16.21 16.65
CA ASP A 95 -20.96 -17.43 16.03
C ASP A 95 -20.81 -17.39 14.51
N ALA A 96 -21.12 -16.23 13.92
CA ALA A 96 -21.05 -16.12 12.45
C ALA A 96 -19.62 -16.23 11.94
N LEU A 97 -18.66 -15.63 12.64
CA LEU A 97 -17.26 -15.73 12.22
C LEU A 97 -16.78 -17.16 12.36
N ALA A 98 -17.20 -17.83 13.42
CA ALA A 98 -16.74 -19.21 13.64
C ALA A 98 -17.26 -20.12 12.52
N GLN A 99 -18.51 -19.94 12.12
CA GLN A 99 -19.05 -20.83 11.08
C GLN A 99 -18.52 -20.51 9.68
N ALA A 100 -18.02 -19.29 9.49
CA ALA A 100 -17.55 -18.85 8.17
C ALA A 100 -16.07 -19.09 7.96
N GLY A 101 -15.39 -19.64 8.96
CA GLY A 101 -14.01 -20.09 8.74
C GLY A 101 -12.86 -19.33 9.39
N ALA A 102 -13.14 -18.40 10.30
CA ALA A 102 -12.06 -17.80 11.07
C ALA A 102 -11.33 -18.82 11.95
N ALA A 103 -10.01 -18.74 12.02
CA ALA A 103 -9.22 -19.59 12.93
C ALA A 103 -9.04 -18.92 14.27
N ILE A 104 -9.04 -17.58 14.26
CA ILE A 104 -8.85 -16.77 15.44
C ILE A 104 -9.95 -15.73 15.36
N ILE A 105 -10.64 -15.45 16.47
CA ILE A 105 -11.63 -14.38 16.45
C ILE A 105 -11.15 -13.32 17.44
N ALA A 106 -11.08 -12.08 16.97
CA ALA A 106 -10.71 -10.96 17.82
C ALA A 106 -11.93 -10.17 18.26
N VAL A 107 -11.87 -9.74 19.51
CA VAL A 107 -12.93 -8.93 20.16
C VAL A 107 -12.30 -7.76 20.89
N ASP A 108 -13.01 -6.65 20.97
CA ASP A 108 -12.59 -5.53 21.80
C ASP A 108 -12.52 -6.01 23.25
N GLY A 109 -11.37 -5.78 23.87
CA GLY A 109 -11.09 -6.22 25.26
C GLY A 109 -11.15 -5.12 26.30
N THR A 110 -11.75 -3.99 25.94
CA THR A 110 -11.70 -2.79 26.81
C THR A 110 -12.76 -2.81 27.91
N ALA A 111 -12.49 -2.04 28.97
CA ALA A 111 -13.41 -1.86 30.08
C ALA A 111 -14.30 -0.64 29.81
N ARG A 112 -15.29 -0.86 28.94
CA ARG A 112 -16.16 0.19 28.47
C ARG A 112 -17.57 -0.35 28.41
N GLN A 113 -18.52 0.58 28.38
CA GLN A 113 -19.93 0.22 28.25
C GLN A 113 -20.08 -0.56 26.96
N ARG A 114 -20.74 -1.72 27.03
CA ARG A 114 -20.76 -2.67 25.92
C ARG A 114 -21.90 -3.67 26.08
N PRO A 115 -22.32 -4.30 24.97
CA PRO A 115 -23.52 -5.15 25.05
C PRO A 115 -23.26 -6.53 25.62
N VAL A 116 -22.02 -6.99 25.52
CA VAL A 116 -21.66 -8.33 25.99
C VAL A 116 -20.33 -8.21 26.69
N ALA A 117 -20.26 -8.76 27.90
CA ALA A 117 -19.01 -8.76 28.65
C ALA A 117 -17.88 -9.44 27.88
N VAL A 118 -16.67 -8.91 28.03
CA VAL A 118 -15.50 -9.52 27.41
C VAL A 118 -15.39 -11.02 27.73
N GLU A 119 -15.56 -11.36 29.00
CA GLU A 119 -15.44 -12.77 29.39
C GLU A 119 -16.38 -13.68 28.61
N ALA A 120 -17.59 -13.19 28.36
CA ALA A 120 -18.60 -13.97 27.64
C ALA A 120 -18.22 -14.13 26.16
N LEU A 121 -17.69 -13.07 25.55
CA LEU A 121 -17.26 -13.21 24.16
C LEU A 121 -16.11 -14.21 24.07
N LEU A 122 -15.14 -14.09 24.95
CA LEU A 122 -14.01 -15.02 24.91
C LEU A 122 -14.47 -16.45 25.12
N ALA A 123 -15.39 -16.66 26.04
CA ALA A 123 -15.91 -18.01 26.30
C ALA A 123 -16.61 -18.57 25.06
N ARG A 124 -17.37 -17.73 24.36
CA ARG A 124 -18.10 -18.18 23.19
C ARG A 124 -17.12 -18.61 22.09
N ILE A 125 -16.06 -17.84 21.91
CA ILE A 125 -15.07 -18.20 20.91
C ILE A 125 -14.43 -19.54 21.29
N HIS A 126 -13.94 -19.66 22.51
N HIS A 126 -14.04 -19.67 22.55
CA HIS A 126 -13.25 -20.90 22.91
CA HIS A 126 -13.50 -20.92 23.09
C HIS A 126 -14.15 -22.13 22.77
C HIS A 126 -14.45 -22.10 22.91
N HIS A 127 -15.45 -21.94 23.00
N HIS A 127 -15.74 -21.86 23.08
CA HIS A 127 -16.37 -23.06 22.93
CA HIS A 127 -16.68 -22.95 22.91
C HIS A 127 -16.78 -23.45 21.50
C HIS A 127 -16.67 -23.51 21.49
N HIS A 128 -16.36 -22.64 20.53
CA HIS A 128 -16.30 -23.05 19.13
C HIS A 128 -14.95 -23.72 18.81
N HIS A 129 -14.11 -23.89 19.84
CA HIS A 129 -12.80 -24.54 19.66
C HIS A 129 -11.88 -23.74 18.73
N LEU A 130 -12.01 -22.40 18.81
CA LEU A 130 -11.13 -21.49 18.08
C LEU A 130 -10.24 -20.68 19.04
N LEU A 131 -9.22 -20.04 18.48
CA LEU A 131 -8.32 -19.21 19.27
C LEU A 131 -8.93 -17.83 19.51
N THR A 132 -8.64 -17.29 20.68
CA THR A 132 -9.17 -15.94 21.01
C THR A 132 -8.11 -14.87 20.92
N MSE A 133 -8.50 -13.68 20.47
CA MSE A 133 -7.63 -12.53 20.48
C MSE A 133 -8.38 -11.38 21.11
O MSE A 133 -9.54 -11.14 20.76
CB MSE A 133 -7.21 -12.18 19.05
CG MSE A 133 -6.45 -10.88 18.97
SE MSE A 133 -5.55 -10.71 17.27
CE MSE A 133 -4.61 -9.05 17.68
N ALA A 134 -7.77 -10.69 22.07
CA ALA A 134 -8.40 -9.55 22.73
C ALA A 134 -7.70 -8.32 22.22
N ASP A 135 -8.46 -7.44 21.56
CA ASP A 135 -7.94 -6.18 21.04
C ASP A 135 -7.99 -5.18 22.20
N CYS A 136 -6.81 -4.91 22.76
CA CYS A 136 -6.69 -4.16 24.01
C CYS A 136 -6.06 -2.79 23.84
N SER A 137 -6.12 -1.97 24.88
CA SER A 137 -5.66 -0.58 24.81
C SER A 137 -4.60 -0.18 25.83
N SER A 138 -4.46 -0.97 26.89
CA SER A 138 -3.64 -0.57 28.02
C SER A 138 -3.07 -1.76 28.76
N VAL A 139 -2.15 -1.48 29.67
CA VAL A 139 -1.62 -2.51 30.52
C VAL A 139 -2.77 -3.15 31.32
N ASP A 140 -3.61 -2.32 31.90
CA ASP A 140 -4.70 -2.87 32.73
C ASP A 140 -5.69 -3.73 31.95
N ASP A 141 -6.22 -3.25 30.83
CA ASP A 141 -7.15 -4.09 30.09
C ASP A 141 -6.47 -5.34 29.50
N GLY A 142 -5.23 -5.19 29.04
CA GLY A 142 -4.49 -6.30 28.48
C GLY A 142 -4.22 -7.41 29.49
N LEU A 143 -3.85 -7.03 30.71
CA LEU A 143 -3.61 -8.00 31.75
C LEU A 143 -4.93 -8.64 32.20
N ALA A 144 -6.03 -7.87 32.23
CA ALA A 144 -7.33 -8.47 32.53
C ALA A 144 -7.69 -9.52 31.49
N CYS A 145 -7.50 -9.20 30.21
CA CYS A 145 -7.83 -10.16 29.17
C CYS A 145 -6.93 -11.39 29.20
N GLN A 146 -5.65 -11.19 29.54
CA GLN A 146 -4.71 -12.28 29.78
CA GLN A 146 -4.76 -12.31 29.72
C GLN A 146 -5.28 -13.19 30.86
N ARG A 147 -5.70 -12.58 31.96
CA ARG A 147 -6.26 -13.35 33.08
C ARG A 147 -7.56 -14.07 32.72
N LEU A 148 -8.36 -13.49 31.85
CA LEU A 148 -9.55 -14.15 31.33
C LEU A 148 -9.23 -15.31 30.38
N GLY A 149 -7.97 -15.41 29.97
CA GLY A 149 -7.54 -16.56 29.21
C GLY A 149 -7.45 -16.34 27.70
N ALA A 150 -7.44 -15.07 27.27
CA ALA A 150 -7.26 -14.77 25.84
C ALA A 150 -5.97 -15.38 25.32
N ASP A 151 -5.99 -16.01 24.16
CA ASP A 151 -4.78 -16.63 23.66
C ASP A 151 -3.77 -15.59 23.19
N ILE A 152 -4.26 -14.53 22.56
CA ILE A 152 -3.43 -13.48 22.00
C ILE A 152 -3.94 -12.14 22.51
N ILE A 153 -3.02 -11.24 22.87
CA ILE A 153 -3.39 -9.88 23.26
C ILE A 153 -2.90 -8.96 22.15
N GLY A 154 -3.80 -8.21 21.53
CA GLY A 154 -3.39 -7.20 20.55
C GLY A 154 -3.33 -5.82 21.15
N THR A 155 -2.49 -4.96 20.59
CA THR A 155 -2.46 -3.56 21.04
C THR A 155 -3.37 -2.65 20.19
N THR A 156 -4.26 -3.28 19.42
CA THR A 156 -5.17 -2.66 18.46
C THR A 156 -5.93 -1.44 18.96
N MSE A 157 -6.39 -1.46 20.20
CA MSE A 157 -7.17 -0.34 20.68
C MSE A 157 -6.41 0.78 21.34
O MSE A 157 -7.01 1.78 21.75
CB MSE A 157 -8.26 -0.84 21.64
CG MSE A 157 -9.35 -1.66 20.90
SE MSE A 157 -10.32 -0.61 19.59
CE MSE A 157 -10.74 0.87 20.70
N SER A 158 -5.08 0.62 21.50
CA SER A 158 -4.31 1.71 22.12
C SER A 158 -4.29 2.97 21.25
N GLY A 159 -4.78 4.05 21.84
CA GLY A 159 -4.88 5.33 21.11
C GLY A 159 -6.27 5.59 20.61
N TYR A 160 -7.18 4.62 20.74
CA TYR A 160 -8.51 4.73 20.13
C TYR A 160 -9.67 4.83 21.10
N THR A 161 -9.40 4.85 22.41
CA THR A 161 -10.50 4.94 23.38
C THR A 161 -10.75 6.36 23.86
N THR A 162 -9.79 7.24 23.60
N THR A 162 -10.15 7.31 23.13
CA THR A 162 -9.86 8.61 24.08
CA THR A 162 -10.59 8.72 23.10
C THR A 162 -9.50 9.47 22.89
C THR A 162 -10.58 9.29 21.66
N PRO A 163 -9.88 10.75 22.92
N PRO A 163 -11.03 10.55 21.47
CA PRO A 163 -9.58 11.66 21.82
CA PRO A 163 -11.04 11.08 20.11
C PRO A 163 -8.08 11.77 21.56
C PRO A 163 -9.67 11.60 19.65
N ASP A 164 -7.75 12.34 20.40
N ASP A 164 -8.70 11.60 20.55
CA ASP A 164 -6.36 12.70 20.11
CA ASP A 164 -7.33 11.98 20.23
C ASP A 164 -5.41 11.53 19.96
C ASP A 164 -6.43 10.75 20.14
N THR A 165 -5.72 10.62 19.05
CA THR A 165 -4.82 9.48 18.82
C THR A 165 -3.41 9.95 18.51
N PRO A 166 -2.40 9.37 19.19
CA PRO A 166 -1.02 9.74 18.89
C PRO A 166 -0.62 9.34 17.48
N GLU A 167 0.37 10.03 16.93
CA GLU A 167 0.91 9.63 15.64
C GLU A 167 1.71 8.31 15.69
N GLU A 168 2.58 8.20 16.68
CA GLU A 168 3.47 7.03 16.81
C GLU A 168 2.71 5.83 17.36
N PRO A 169 3.17 4.63 17.01
CA PRO A 169 2.56 3.43 17.61
C PRO A 169 2.91 3.31 19.09
N ASP A 170 2.08 2.58 19.83
CA ASP A 170 2.32 2.38 21.26
C ASP A 170 3.29 1.22 21.45
N LEU A 171 4.58 1.52 21.37
CA LEU A 171 5.62 0.52 21.57
C LEU A 171 5.74 0.08 23.02
N PRO A 172 5.68 1.03 23.98
CA PRO A 172 5.86 0.57 25.36
C PRO A 172 4.82 -0.45 25.81
N LEU A 173 3.60 -0.35 25.30
CA LEU A 173 2.57 -1.31 25.68
C LEU A 173 2.96 -2.73 25.23
N VAL A 174 3.59 -2.82 24.05
CA VAL A 174 4.02 -4.12 23.54
C VAL A 174 4.98 -4.75 24.55
N LYS A 175 5.96 -3.96 25.02
CA LYS A 175 6.92 -4.51 25.97
C LYS A 175 6.28 -4.83 27.33
N ALA A 176 5.41 -3.94 27.82
CA ALA A 176 4.77 -4.22 29.11
C ALA A 176 3.96 -5.51 29.07
N LEU A 177 3.21 -5.71 28.00
CA LEU A 177 2.40 -6.93 27.93
C LEU A 177 3.26 -8.17 27.71
N HIS A 178 4.26 -8.05 26.84
CA HIS A 178 5.18 -9.16 26.61
C HIS A 178 5.88 -9.57 27.92
N ASP A 179 6.36 -8.60 28.68
CA ASP A 179 7.11 -8.89 29.90
C ASP A 179 6.21 -9.54 30.94
N ALA A 180 4.91 -9.27 30.86
CA ALA A 180 3.95 -9.85 31.80
C ALA A 180 3.52 -11.28 31.40
N GLY A 181 4.05 -11.79 30.28
CA GLY A 181 3.76 -13.17 29.87
C GLY A 181 2.71 -13.30 28.77
N CYS A 182 2.29 -12.19 28.18
CA CYS A 182 1.31 -12.25 27.09
C CYS A 182 1.96 -12.57 25.75
N ARG A 183 1.17 -13.20 24.88
CA ARG A 183 1.54 -13.40 23.49
C ARG A 183 0.98 -12.18 22.77
N VAL A 184 1.83 -11.23 22.37
CA VAL A 184 1.38 -9.91 21.96
C VAL A 184 1.45 -9.76 20.44
N ILE A 185 0.34 -9.36 19.83
CA ILE A 185 0.37 -8.84 18.46
C ILE A 185 0.36 -7.32 18.56
N ALA A 186 1.40 -6.69 18.04
CA ALA A 186 1.46 -5.25 17.92
C ALA A 186 0.61 -4.82 16.73
N GLU A 187 -0.31 -3.90 16.95
CA GLU A 187 -1.26 -3.52 15.91
C GLU A 187 -1.68 -2.08 16.13
N GLY A 188 -1.49 -1.27 15.11
CA GLY A 188 -1.91 0.14 15.15
C GLY A 188 -0.76 1.06 14.82
N ARG A 189 -0.83 1.65 13.62
CA ARG A 189 0.08 2.72 13.22
C ARG A 189 1.50 2.27 12.92
N TYR A 190 1.68 0.98 12.65
CA TYR A 190 2.99 0.48 12.17
C TYR A 190 3.15 0.76 10.67
N ASN A 191 3.28 2.05 10.36
CA ASN A 191 3.09 2.52 8.98
C ASN A 191 4.32 2.42 8.08
N SER A 192 5.43 1.93 8.64
CA SER A 192 6.63 1.66 7.86
C SER A 192 7.23 0.37 8.35
N PRO A 193 8.01 -0.29 7.47
CA PRO A 193 8.78 -1.46 7.88
C PRO A 193 9.64 -1.15 9.11
N ALA A 194 10.26 0.03 9.18
CA ALA A 194 11.09 0.40 10.33
C ALA A 194 10.33 0.39 11.65
N LEU A 195 9.09 0.89 11.65
CA LEU A 195 8.31 0.86 12.89
C LEU A 195 7.92 -0.56 13.27
N ALA A 196 7.56 -1.37 12.28
CA ALA A 196 7.21 -2.76 12.58
C ALA A 196 8.41 -3.49 13.19
N ALA A 197 9.62 -3.22 12.70
CA ALA A 197 10.80 -3.86 13.27
C ALA A 197 10.98 -3.43 14.73
N GLU A 198 10.70 -2.16 15.03
CA GLU A 198 10.80 -1.72 16.42
C GLU A 198 9.84 -2.51 17.33
N ALA A 199 8.65 -2.86 16.83
CA ALA A 199 7.73 -3.66 17.64
C ALA A 199 8.37 -5.01 17.99
N ILE A 200 9.06 -5.64 17.04
CA ILE A 200 9.76 -6.88 17.32
C ILE A 200 10.79 -6.64 18.44
N ARG A 201 11.54 -5.54 18.32
CA ARG A 201 12.54 -5.21 19.34
CA ARG A 201 12.55 -5.20 19.33
C ARG A 201 11.93 -5.02 20.72
N TYR A 202 10.69 -4.51 20.76
CA TYR A 202 9.95 -4.33 22.00
C TYR A 202 9.29 -5.61 22.52
N GLY A 203 9.36 -6.70 21.75
CA GLY A 203 8.85 -7.98 22.26
C GLY A 203 7.63 -8.54 21.55
N ALA A 204 7.23 -7.94 20.43
CA ALA A 204 6.04 -8.44 19.74
C ALA A 204 6.21 -9.87 19.26
N TRP A 205 5.17 -10.68 19.38
CA TRP A 205 5.14 -12.00 18.76
C TRP A 205 4.91 -11.86 17.25
N ALA A 206 3.95 -11.03 16.87
CA ALA A 206 3.76 -10.71 15.45
C ALA A 206 3.30 -9.27 15.34
N VAL A 207 3.26 -8.75 14.12
CA VAL A 207 2.88 -7.36 13.91
C VAL A 207 1.80 -7.34 12.83
N THR A 208 0.64 -6.76 13.14
CA THR A 208 -0.42 -6.58 12.15
C THR A 208 -0.35 -5.18 11.56
N VAL A 209 -0.37 -5.11 10.22
CA VAL A 209 -0.31 -3.84 9.50
C VAL A 209 -1.53 -3.80 8.57
N GLY A 210 -2.19 -2.65 8.59
CA GLY A 210 -3.41 -2.46 7.80
C GLY A 210 -3.21 -1.34 6.80
N SER A 211 -3.38 -0.10 7.24
CA SER A 211 -3.41 1.05 6.31
C SER A 211 -2.25 1.10 5.33
N ALA A 212 -1.02 0.88 5.79
CA ALA A 212 0.16 1.06 4.93
C ALA A 212 0.28 0.01 3.84
N ILE A 213 -0.56 -1.03 3.90
CA ILE A 213 -0.54 -2.08 2.88
C ILE A 213 -1.86 -2.11 2.09
N THR A 214 -3.01 -2.00 2.77
CA THR A 214 -4.29 -2.26 2.12
C THR A 214 -5.27 -1.11 2.10
N ARG A 215 -4.85 0.10 2.50
CA ARG A 215 -5.73 1.27 2.36
CA ARG A 215 -5.74 1.27 2.36
C ARG A 215 -5.11 2.31 1.45
N LEU A 216 -5.27 2.12 0.14
CA LEU A 216 -4.62 2.97 -0.83
C LEU A 216 -4.91 4.45 -0.59
N GLU A 217 -6.16 4.78 -0.32
CA GLU A 217 -6.53 6.18 -0.11
C GLU A 217 -5.79 6.79 1.07
N HIS A 218 -5.57 5.99 2.11
N HIS A 218 -5.62 6.00 2.14
CA HIS A 218 -4.93 6.49 3.30
CA HIS A 218 -4.89 6.44 3.33
C HIS A 218 -3.44 6.73 3.06
C HIS A 218 -3.47 6.78 2.96
N ILE A 219 -2.81 5.84 2.29
CA ILE A 219 -1.43 6.02 1.92
C ILE A 219 -1.29 7.32 1.09
N CYS A 220 -2.20 7.50 0.13
CA CYS A 220 -2.15 8.69 -0.71
C CYS A 220 -2.17 9.98 0.15
N GLY A 221 -3.04 9.98 1.15
CA GLY A 221 -3.10 11.11 2.08
C GLY A 221 -1.80 11.40 2.80
N TRP A 222 -1.09 10.36 3.23
CA TRP A 222 0.19 10.57 3.90
C TRP A 222 1.16 11.25 2.92
N TYR A 223 1.16 10.81 1.66
CA TYR A 223 2.01 11.44 0.66
C TYR A 223 1.61 12.89 0.39
N ASN A 224 0.31 13.12 0.21
CA ASN A 224 -0.15 14.49 -0.03
C ASN A 224 0.25 15.42 1.09
N ASP A 225 0.13 14.95 2.35
CA ASP A 225 0.49 15.79 3.51
C ASP A 225 1.95 16.26 3.36
N ALA A 226 2.83 15.31 3.03
CA ALA A 226 4.25 15.63 2.97
C ALA A 226 4.56 16.49 1.75
N LEU A 227 3.95 16.16 0.61
CA LEU A 227 4.15 16.91 -0.60
C LEU A 227 3.68 18.36 -0.49
N LYS A 228 2.54 18.55 0.15
CA LYS A 228 2.00 19.90 0.31
C LYS A 228 2.89 20.72 1.24
N LYS A 229 3.35 20.10 2.32
CA LYS A 229 4.26 20.81 3.23
C LYS A 229 5.57 21.24 2.55
N ALA A 230 6.08 20.39 1.66
CA ALA A 230 7.30 20.70 0.93
C ALA A 230 7.16 21.83 -0.08
N ALA A 231 5.94 22.13 -0.53
CA ALA A 231 5.70 23.27 -1.38
C ALA A 231 5.61 24.52 -0.49
N SER A 232 4.94 24.38 0.67
CA SER A 232 4.64 25.50 1.56
C SER A 232 5.84 26.43 1.83
N SER B 1 -10.16 29.33 -12.64
CA SER B 1 -9.55 28.55 -13.75
C SER B 1 -8.93 29.42 -14.84
N ASN B 2 -7.78 30.04 -14.57
CA ASN B 2 -7.08 30.73 -15.65
C ASN B 2 -6.09 29.80 -16.40
N ALA B 3 -6.20 28.48 -16.14
CA ALA B 3 -5.35 27.48 -16.83
C ALA B 3 -5.81 27.26 -18.26
N MSE B 4 -4.87 27.29 -19.19
CA MSE B 4 -5.27 27.14 -20.59
C MSE B 4 -4.46 26.10 -21.35
O MSE B 4 -4.30 26.18 -22.57
CB MSE B 4 -5.23 28.52 -21.31
CG MSE B 4 -3.90 29.26 -21.15
SE MSE B 4 -4.00 30.90 -22.23
CE MSE B 4 -4.31 30.06 -23.97
N SER B 5 -3.93 25.13 -20.62
CA SER B 5 -3.30 23.96 -21.23
C SER B 5 -3.32 22.80 -20.22
N LEU B 6 -3.09 21.57 -20.69
CA LEU B 6 -3.04 20.42 -19.77
C LEU B 6 -1.89 20.55 -18.77
N LEU B 7 -0.72 21.00 -19.24
CA LEU B 7 0.39 21.25 -18.32
C LEU B 7 -0.05 22.25 -17.25
N GLU B 8 -0.78 23.30 -17.63
CA GLU B 8 -1.20 24.30 -16.64
C GLU B 8 -2.26 23.73 -15.69
N GLN B 9 -3.14 22.88 -16.23
CA GLN B 9 -4.12 22.19 -15.37
C GLN B 9 -3.39 21.38 -14.31
N LEU B 10 -2.37 20.65 -14.74
CA LEU B 10 -1.60 19.85 -13.78
C LEU B 10 -0.83 20.75 -12.81
N ASP B 11 -0.23 21.84 -13.31
CA ASP B 11 0.42 22.82 -12.42
C ASP B 11 -0.52 23.15 -11.27
N LYS B 12 -1.74 23.55 -11.63
CA LYS B 12 -2.71 23.98 -10.64
C LYS B 12 -3.08 22.87 -9.66
N ASN B 13 -3.28 21.66 -10.15
CA ASN B 13 -3.68 20.60 -9.22
C ASN B 13 -2.52 20.10 -8.38
N ILE B 14 -1.29 20.21 -8.91
CA ILE B 14 -0.12 19.93 -8.08
C ILE B 14 -0.08 20.88 -6.88
N ALA B 15 -0.32 22.16 -7.13
CA ALA B 15 -0.36 23.10 -6.03
C ALA B 15 -1.50 22.83 -5.05
N ALA B 16 -2.67 22.46 -5.56
CA ALA B 16 -3.84 22.27 -4.71
C ALA B 16 -3.81 20.96 -3.93
N SER B 17 -3.34 19.90 -4.59
CA SER B 17 -3.42 18.53 -4.02
C SER B 17 -2.10 18.02 -3.46
N GLY B 18 -0.99 18.46 -4.04
CA GLY B 18 0.32 18.01 -3.57
C GLY B 18 1.22 17.55 -4.72
N GLY B 19 0.64 16.86 -5.71
CA GLY B 19 1.43 16.39 -6.85
C GLY B 19 1.82 14.93 -6.81
N LEU B 20 1.01 14.11 -6.12
CA LEU B 20 1.22 12.66 -6.14
C LEU B 20 0.67 12.03 -7.42
N ILE B 21 1.48 11.23 -8.11
CA ILE B 21 1.05 10.45 -9.26
C ILE B 21 1.18 8.99 -8.82
N VAL B 22 0.09 8.24 -8.94
CA VAL B 22 0.12 6.87 -8.51
C VAL B 22 0.30 5.96 -9.72
N SER B 23 1.41 5.22 -9.73
CA SER B 23 1.62 4.21 -10.75
C SER B 23 0.92 2.94 -10.30
N CYS B 24 -0.07 2.54 -11.07
CA CYS B 24 -0.94 1.43 -10.71
C CYS B 24 -0.51 0.15 -11.44
N GLN B 25 0.65 -0.37 -11.04
CA GLN B 25 1.27 -1.54 -11.68
C GLN B 25 1.49 -2.64 -10.63
N PRO B 26 0.52 -3.56 -10.51
CA PRO B 26 0.65 -4.63 -9.53
C PRO B 26 1.82 -5.53 -9.92
N VAL B 27 2.21 -6.40 -9.00
CA VAL B 27 3.25 -7.34 -9.28
C VAL B 27 2.74 -8.30 -10.37
N PRO B 28 3.55 -8.55 -11.40
CA PRO B 28 3.03 -9.37 -12.49
C PRO B 28 2.59 -10.75 -11.99
N GLY B 29 1.39 -11.18 -12.41
CA GLY B 29 0.86 -12.48 -11.97
C GLY B 29 0.31 -12.57 -10.55
N SER B 30 0.35 -11.46 -9.84
CA SER B 30 -0.35 -11.32 -8.56
C SER B 30 -1.84 -11.58 -8.73
N PRO B 31 -2.51 -12.07 -7.68
CA PRO B 31 -3.95 -12.10 -7.64
C PRO B 31 -4.55 -10.72 -7.90
N LEU B 32 -3.77 -9.67 -7.61
CA LEU B 32 -4.24 -8.30 -7.80
C LEU B 32 -3.97 -7.75 -9.22
N ASP B 33 -3.25 -8.52 -10.02
CA ASP B 33 -2.91 -8.11 -11.38
C ASP B 33 -4.03 -8.47 -12.38
N LYS B 34 -5.13 -7.74 -12.27
CA LYS B 34 -6.28 -7.86 -13.16
CA LYS B 34 -6.28 -7.87 -13.16
C LYS B 34 -6.69 -6.47 -13.60
N PRO B 35 -7.13 -6.31 -14.86
CA PRO B 35 -7.47 -4.97 -15.33
C PRO B 35 -8.55 -4.27 -14.48
N GLU B 36 -9.58 -4.98 -14.04
CA GLU B 36 -10.60 -4.37 -13.19
C GLU B 36 -10.03 -3.86 -11.87
N ILE B 37 -9.05 -4.57 -11.32
CA ILE B 37 -8.39 -4.17 -10.07
C ILE B 37 -7.46 -2.97 -10.30
N VAL B 38 -6.69 -2.98 -11.39
CA VAL B 38 -5.86 -1.83 -11.72
C VAL B 38 -6.74 -0.58 -11.87
N ALA B 39 -7.85 -0.70 -12.57
CA ALA B 39 -8.74 0.45 -12.72
C ALA B 39 -9.30 0.90 -11.37
N ALA B 40 -9.66 -0.04 -10.51
CA ALA B 40 -10.12 0.31 -9.16
C ALA B 40 -9.03 1.02 -8.35
N MSE B 41 -7.76 0.62 -8.51
CA MSE B 41 -6.66 1.31 -7.83
C MSE B 41 -6.55 2.75 -8.31
O MSE B 41 -6.36 3.66 -7.52
CB MSE B 41 -5.31 0.62 -8.10
CG MSE B 41 -5.17 -0.75 -7.43
SE MSE B 41 -3.50 -1.52 -8.10
CE MSE B 41 -3.63 -3.26 -7.23
N ALA B 42 -6.64 2.94 -9.63
CA ALA B 42 -6.59 4.30 -10.20
C ALA B 42 -7.76 5.16 -9.76
N LEU B 43 -8.97 4.60 -9.71
CA LEU B 43 -10.14 5.33 -9.21
C LEU B 43 -9.97 5.73 -7.75
N ALA B 44 -9.50 4.77 -6.93
CA ALA B 44 -9.24 5.06 -5.52
C ALA B 44 -8.22 6.17 -5.39
N ALA B 45 -7.16 6.13 -6.20
CA ALA B 45 -6.13 7.16 -6.16
C ALA B 45 -6.70 8.54 -6.47
N GLU B 46 -7.54 8.64 -7.50
CA GLU B 46 -8.07 9.97 -7.84
C GLU B 46 -9.07 10.47 -6.80
N GLN B 47 -9.67 9.51 -6.08
CA GLN B 47 -10.59 9.87 -5.00
C GLN B 47 -9.85 10.22 -3.74
N ALA B 48 -8.51 10.23 -3.80
CA ALA B 48 -7.69 10.58 -2.65
C ALA B 48 -6.61 11.60 -3.02
N GLY B 49 -6.85 12.32 -4.10
CA GLY B 49 -6.04 13.49 -4.43
C GLY B 49 -4.86 13.29 -5.39
N ALA B 50 -4.71 12.09 -5.96
CA ALA B 50 -3.66 11.90 -6.96
C ALA B 50 -3.95 12.81 -8.15
N VAL B 51 -2.90 13.43 -8.67
CA VAL B 51 -3.10 14.38 -9.79
C VAL B 51 -3.05 13.68 -11.15
N ALA B 52 -2.53 12.45 -11.16
CA ALA B 52 -2.47 11.66 -12.39
C ALA B 52 -2.21 10.22 -11.98
N VAL B 53 -2.36 9.31 -12.93
CA VAL B 53 -1.98 7.91 -12.68
C VAL B 53 -1.15 7.40 -13.84
N ARG B 54 -0.24 6.47 -13.54
CA ARG B 54 0.51 5.80 -14.61
C ARG B 54 -0.05 4.38 -14.74
N ILE B 55 -0.37 4.00 -15.98
CA ILE B 55 -1.01 2.71 -16.26
C ILE B 55 -0.20 2.02 -17.35
N GLU B 56 0.07 0.74 -17.15
CA GLU B 56 0.85 -0.04 -18.13
C GLU B 56 -0.01 -1.08 -18.82
N GLY B 57 0.05 -1.10 -20.15
CA GLY B 57 -0.60 -2.17 -20.92
C GLY B 57 -1.95 -1.73 -21.45
N ILE B 58 -2.26 -2.12 -22.68
CA ILE B 58 -3.53 -1.74 -23.29
C ILE B 58 -4.77 -2.30 -22.57
N ASP B 59 -4.69 -3.52 -22.05
CA ASP B 59 -5.80 -4.09 -21.29
CA ASP B 59 -5.81 -4.09 -21.30
C ASP B 59 -6.13 -3.24 -20.06
N ASN B 60 -5.10 -2.86 -19.32
CA ASN B 60 -5.30 -2.03 -18.13
C ASN B 60 -5.77 -0.63 -18.50
N LEU B 61 -5.19 -0.07 -19.55
CA LEU B 61 -5.59 1.27 -20.00
C LEU B 61 -7.05 1.29 -20.46
N ARG B 62 -7.45 0.27 -21.23
CA ARG B 62 -8.84 0.23 -21.68
C ARG B 62 -9.84 0.14 -20.52
N MSE B 63 -9.46 -0.49 -19.42
CA MSE B 63 -10.33 -0.56 -18.26
CA MSE B 63 -10.33 -0.56 -18.24
C MSE B 63 -10.37 0.75 -17.51
O MSE B 63 -11.39 1.11 -16.89
CB MSE B 63 -9.88 -1.69 -17.33
CB MSE B 63 -9.85 -1.61 -17.24
CG MSE B 63 -10.95 -2.20 -16.40
CG MSE B 63 -10.19 -3.03 -17.59
SE MSE B 63 -12.38 -3.10 -17.37
SE MSE B 63 -12.03 -3.32 -18.07
CE MSE B 63 -13.62 -3.49 -15.93
CE MSE B 63 -12.95 -2.49 -16.57
N THR B 64 -9.27 1.50 -17.55
CA THR B 64 -9.12 2.66 -16.69
C THR B 64 -9.64 3.93 -17.35
N ARG B 65 -9.43 4.04 -18.64
CA ARG B 65 -9.83 5.24 -19.36
C ARG B 65 -11.33 5.48 -19.29
N SER B 66 -11.68 6.75 -19.06
CA SER B 66 -13.07 7.18 -18.97
C SER B 66 -13.74 6.85 -17.64
N LEU B 67 -13.11 5.99 -16.83
CA LEU B 67 -13.60 5.73 -15.47
C LEU B 67 -12.93 6.78 -14.60
N VAL B 68 -11.63 6.98 -14.83
CA VAL B 68 -10.90 8.03 -14.15
C VAL B 68 -10.97 9.33 -14.96
N SER B 69 -10.77 10.47 -14.30
CA SER B 69 -10.74 11.70 -15.05
CA SER B 69 -10.80 11.78 -14.93
C SER B 69 -9.43 12.47 -14.92
N VAL B 70 -8.56 12.07 -13.99
CA VAL B 70 -7.26 12.67 -13.99
C VAL B 70 -6.47 12.18 -15.22
N PRO B 71 -5.46 12.96 -15.64
CA PRO B 71 -4.67 12.49 -16.78
C PRO B 71 -4.01 11.14 -16.52
N ILE B 72 -4.03 10.31 -17.57
CA ILE B 72 -3.35 9.03 -17.55
C ILE B 72 -2.03 9.07 -18.31
N ILE B 73 -0.96 8.68 -17.62
CA ILE B 73 0.36 8.45 -18.23
C ILE B 73 0.41 7.00 -18.63
N GLY B 74 0.42 6.75 -19.95
CA GLY B 74 0.34 5.38 -20.45
C GLY B 74 1.72 4.88 -20.91
N ILE B 75 2.01 3.64 -20.58
CA ILE B 75 3.19 2.94 -21.09
C ILE B 75 2.83 1.51 -21.48
N ILE B 76 3.69 0.88 -22.27
CA ILE B 76 3.59 -0.56 -22.46
C ILE B 76 4.96 -1.11 -22.18
N LYS B 77 5.07 -2.07 -21.25
CA LYS B 77 6.36 -2.69 -20.94
C LYS B 77 6.54 -3.99 -21.72
N ARG B 78 7.68 -4.10 -22.41
CA ARG B 78 8.00 -5.28 -23.22
C ARG B 78 9.36 -5.81 -22.85
N ASP B 79 9.49 -7.12 -22.87
CA ASP B 79 10.81 -7.74 -22.68
C ASP B 79 11.33 -8.12 -24.05
N LEU B 80 12.35 -7.40 -24.53
CA LEU B 80 12.85 -7.55 -25.90
C LEU B 80 14.12 -8.39 -25.94
N ASP B 81 14.24 -9.23 -26.97
CA ASP B 81 15.47 -9.99 -27.13
C ASP B 81 16.63 -9.09 -27.59
N GLU B 82 16.30 -8.02 -28.31
CA GLU B 82 17.31 -7.19 -28.98
C GLU B 82 17.76 -5.94 -28.23
N SER B 83 17.24 -5.72 -27.03
CA SER B 83 17.52 -4.49 -26.30
C SER B 83 17.15 -4.68 -24.85
N PRO B 84 17.82 -3.95 -23.93
CA PRO B 84 17.36 -3.97 -22.53
C PRO B 84 16.23 -2.99 -22.22
N VAL B 85 15.87 -2.14 -23.19
CA VAL B 85 14.79 -1.16 -23.02
C VAL B 85 13.46 -1.90 -22.92
N ARG B 86 12.63 -1.49 -21.95
CA ARG B 86 11.33 -2.11 -21.73
C ARG B 86 10.15 -1.16 -21.88
N ILE B 87 10.34 0.12 -21.55
CA ILE B 87 9.20 1.06 -21.52
C ILE B 87 8.87 1.65 -22.87
N THR B 88 7.74 1.23 -23.43
CA THR B 88 7.15 1.76 -24.69
C THR B 88 8.17 1.84 -25.84
N PRO B 89 8.70 0.68 -26.26
CA PRO B 89 9.82 0.72 -27.21
C PRO B 89 9.46 0.98 -28.65
N PHE B 90 8.20 0.81 -29.03
CA PHE B 90 7.83 0.87 -30.46
C PHE B 90 6.86 2.00 -30.79
N LEU B 91 6.96 2.50 -32.03
CA LEU B 91 5.96 3.45 -32.51
C LEU B 91 4.55 2.85 -32.46
N ASP B 92 4.44 1.56 -32.70
CA ASP B 92 3.13 0.93 -32.60
C ASP B 92 2.57 1.01 -31.19
N ASP B 93 3.45 1.00 -30.19
CA ASP B 93 3.02 1.11 -28.80
C ASP B 93 2.53 2.52 -28.52
N VAL B 94 3.25 3.52 -29.01
CA VAL B 94 2.77 4.90 -28.94
C VAL B 94 1.40 5.03 -29.54
N ASP B 95 1.20 4.50 -30.74
CA ASP B 95 -0.11 4.62 -31.39
C ASP B 95 -1.21 3.90 -30.62
N ALA B 96 -0.91 2.73 -30.06
CA ALA B 96 -1.92 2.01 -29.29
C ALA B 96 -2.30 2.77 -28.05
N LEU B 97 -1.32 3.33 -27.37
CA LEU B 97 -1.61 4.06 -26.14
C LEU B 97 -2.43 5.32 -26.44
N ALA B 98 -2.14 5.98 -27.55
CA ALA B 98 -2.92 7.15 -27.94
C ALA B 98 -4.38 6.77 -28.18
N GLN B 99 -4.59 5.71 -28.94
CA GLN B 99 -5.94 5.24 -29.24
C GLN B 99 -6.72 4.86 -27.99
N ALA B 100 -6.02 4.29 -27.01
CA ALA B 100 -6.64 3.76 -25.80
C ALA B 100 -6.81 4.80 -24.69
N GLY B 101 -6.44 6.04 -24.97
CA GLY B 101 -6.83 7.14 -24.09
C GLY B 101 -5.78 7.77 -23.19
N ALA B 102 -4.51 7.47 -23.42
CA ALA B 102 -3.48 8.12 -22.60
C ALA B 102 -3.43 9.62 -22.92
N ALA B 103 -3.26 10.44 -21.89
CA ALA B 103 -3.04 11.89 -22.08
C ALA B 103 -1.58 12.22 -22.23
N ILE B 104 -0.74 11.43 -21.57
CA ILE B 104 0.71 11.58 -21.57
C ILE B 104 1.22 10.19 -21.90
N ILE B 105 2.18 10.09 -22.82
CA ILE B 105 2.78 8.81 -23.12
C ILE B 105 4.24 8.87 -22.71
N ALA B 106 4.66 7.91 -21.90
CA ALA B 106 6.08 7.84 -21.48
C ALA B 106 6.82 6.77 -22.24
N VAL B 107 8.05 7.11 -22.61
CA VAL B 107 8.95 6.18 -23.30
C VAL B 107 10.30 6.19 -22.60
N ASP B 108 11.00 5.06 -22.63
CA ASP B 108 12.38 5.02 -22.11
C ASP B 108 13.22 6.03 -22.91
N GLY B 109 13.94 6.90 -22.20
CA GLY B 109 14.69 7.98 -22.83
C GLY B 109 16.18 7.76 -22.73
N THR B 110 16.57 6.54 -22.38
CA THR B 110 18.00 6.23 -22.23
C THR B 110 18.69 6.11 -23.56
N ALA B 111 20.02 6.10 -23.53
CA ALA B 111 20.79 6.03 -24.76
C ALA B 111 21.31 4.61 -25.00
N ARG B 112 20.60 3.63 -24.49
CA ARG B 112 20.94 2.23 -24.65
C ARG B 112 20.56 1.70 -26.00
N GLN B 113 21.18 0.59 -26.38
CA GLN B 113 20.87 -0.06 -27.64
C GLN B 113 19.36 -0.33 -27.67
N ARG B 114 18.71 0.06 -28.76
CA ARG B 114 17.24 0.07 -28.78
C ARG B 114 16.74 -0.02 -30.22
N PRO B 115 15.55 -0.61 -30.41
CA PRO B 115 15.07 -0.79 -31.79
C PRO B 115 14.61 0.50 -32.47
N VAL B 116 14.06 1.44 -31.69
CA VAL B 116 13.53 2.69 -32.24
C VAL B 116 14.13 3.87 -31.46
N ALA B 117 14.62 4.88 -32.18
CA ALA B 117 15.27 6.02 -31.53
C ALA B 117 14.28 6.82 -30.68
N VAL B 118 14.78 7.37 -29.58
CA VAL B 118 13.96 8.23 -28.70
C VAL B 118 13.36 9.39 -29.51
N GLU B 119 14.15 9.99 -30.38
CA GLU B 119 13.62 11.09 -31.18
C GLU B 119 12.36 10.72 -31.96
N ALA B 120 12.38 9.54 -32.60
CA ALA B 120 11.21 9.08 -33.37
C ALA B 120 10.00 8.83 -32.46
N LEU B 121 10.23 8.25 -31.27
CA LEU B 121 9.12 7.99 -30.32
C LEU B 121 8.48 9.30 -29.87
N LEU B 122 9.31 10.27 -29.47
CA LEU B 122 8.80 11.53 -28.97
C LEU B 122 8.00 12.25 -30.05
N ALA B 123 8.54 12.26 -31.26
CA ALA B 123 7.85 12.93 -32.35
C ALA B 123 6.49 12.31 -32.63
N ARG B 124 6.41 10.99 -32.54
CA ARG B 124 5.14 10.31 -32.79
C ARG B 124 4.08 10.64 -31.73
N ILE B 125 4.49 10.71 -30.48
CA ILE B 125 3.56 11.12 -29.44
C ILE B 125 3.06 12.52 -29.71
N HIS B 126 3.99 13.40 -30.09
N HIS B 126 3.98 13.41 -30.09
CA HIS B 126 3.63 14.78 -30.43
CA HIS B 126 3.55 14.77 -30.41
C HIS B 126 2.68 14.83 -31.62
C HIS B 126 2.64 14.81 -31.63
N HIS B 127 2.87 13.91 -32.58
CA HIS B 127 2.01 13.83 -33.75
C HIS B 127 0.55 13.61 -33.37
N HIS B 128 0.33 12.87 -32.27
CA HIS B 128 -1.00 12.62 -31.76
C HIS B 128 -1.50 13.76 -30.86
N HIS B 129 -0.73 14.84 -30.72
CA HIS B 129 -1.15 15.98 -29.90
C HIS B 129 -1.29 15.61 -28.44
N LEU B 130 -0.42 14.71 -27.99
CA LEU B 130 -0.35 14.33 -26.59
C LEU B 130 0.95 14.82 -25.99
N LEU B 131 1.05 14.79 -24.68
CA LEU B 131 2.25 15.22 -24.00
C LEU B 131 3.23 14.07 -23.96
N THR B 132 4.50 14.40 -24.09
CA THR B 132 5.59 13.42 -24.04
C THR B 132 6.26 13.37 -22.70
N MSE B 133 6.59 12.17 -22.25
CA MSE B 133 7.40 12.01 -21.05
C MSE B 133 8.53 11.05 -21.40
O MSE B 133 8.31 9.97 -21.95
CB MSE B 133 6.57 11.45 -19.87
CG MSE B 133 7.39 11.12 -18.65
SE MSE B 133 6.20 10.78 -17.14
CE MSE B 133 7.63 10.51 -15.91
N ALA B 134 9.74 11.47 -21.05
CA ALA B 134 10.91 10.63 -21.27
C ALA B 134 11.39 10.07 -19.94
N ASP B 135 11.40 8.74 -19.83
CA ASP B 135 11.82 8.06 -18.60
C ASP B 135 13.34 7.89 -18.65
N CYS B 136 14.04 8.74 -17.91
CA CYS B 136 15.47 8.92 -18.05
C CYS B 136 16.25 8.45 -16.84
N SER B 137 17.58 8.47 -16.96
CA SER B 137 18.44 7.85 -15.96
C SER B 137 19.62 8.69 -15.51
N SER B 138 19.95 9.72 -16.28
CA SER B 138 21.19 10.44 -16.02
C SER B 138 21.04 11.88 -16.49
N VAL B 139 21.98 12.73 -16.09
CA VAL B 139 22.01 14.09 -16.59
C VAL B 139 22.08 14.11 -18.11
N ASP B 140 22.96 13.30 -18.69
CA ASP B 140 23.11 13.35 -20.12
C ASP B 140 21.86 12.90 -20.85
N ASP B 141 21.25 11.78 -20.45
CA ASP B 141 20.08 11.32 -21.19
C ASP B 141 18.85 12.20 -20.95
N GLY B 142 18.74 12.76 -19.74
CA GLY B 142 17.62 13.66 -19.43
C GLY B 142 17.72 14.95 -20.25
N LEU B 143 18.92 15.52 -20.30
CA LEU B 143 19.15 16.74 -21.06
C LEU B 143 19.01 16.50 -22.57
N ALA B 144 19.46 15.35 -23.07
CA ALA B 144 19.27 15.03 -24.48
C ALA B 144 17.79 14.98 -24.83
N CYS B 145 16.98 14.41 -23.92
CA CYS B 145 15.54 14.32 -24.19
C CYS B 145 14.87 15.68 -24.10
N GLN B 146 15.33 16.49 -23.16
CA GLN B 146 14.86 17.86 -23.04
C GLN B 146 15.13 18.63 -24.33
N ARG B 147 16.33 18.48 -24.89
CA ARG B 147 16.70 19.16 -26.13
C ARG B 147 15.82 18.72 -27.31
N LEU B 148 15.41 17.45 -27.29
CA LEU B 148 14.53 16.92 -28.33
C LEU B 148 13.12 17.46 -28.19
N GLY B 149 12.82 18.10 -27.05
CA GLY B 149 11.51 18.72 -26.85
C GLY B 149 10.54 17.92 -25.98
N ALA B 150 11.06 16.96 -25.24
CA ALA B 150 10.20 16.19 -24.32
C ALA B 150 9.53 17.12 -23.34
N ASP B 151 8.23 16.92 -23.13
CA ASP B 151 7.52 17.82 -22.24
C ASP B 151 7.90 17.62 -20.78
N ILE B 152 8.08 16.35 -20.41
CA ILE B 152 8.34 15.96 -19.03
C ILE B 152 9.53 15.02 -19.05
N ILE B 153 10.46 15.18 -18.09
CA ILE B 153 11.58 14.27 -17.93
C ILE B 153 11.35 13.51 -16.62
N GLY B 154 11.22 12.20 -16.69
CA GLY B 154 11.13 11.39 -15.46
C GLY B 154 12.50 10.87 -15.07
N THR B 155 12.69 10.62 -13.78
CA THR B 155 13.94 9.98 -13.31
C THR B 155 13.78 8.47 -13.15
N THR B 156 12.69 7.95 -13.74
CA THR B 156 12.24 6.55 -13.66
C THR B 156 13.32 5.50 -13.85
N MSE B 157 14.22 5.75 -14.79
CA MSE B 157 15.23 4.73 -15.11
C MSE B 157 16.53 4.81 -14.32
O MSE B 157 17.39 3.92 -14.44
CB MSE B 157 15.51 4.73 -16.61
CG MSE B 157 14.41 4.07 -17.42
SE MSE B 157 14.14 2.17 -17.03
CE MSE B 157 15.97 1.55 -17.13
N SER B 158 16.68 5.83 -13.49
CA SER B 158 17.91 5.94 -12.71
C SER B 158 17.98 4.78 -11.73
N GLY B 159 19.07 4.00 -11.81
CA GLY B 159 19.22 2.83 -10.94
C GLY B 159 18.89 1.51 -11.64
N TYR B 160 18.36 1.57 -12.85
CA TYR B 160 17.85 0.37 -13.50
C TYR B 160 18.56 0.00 -14.79
N THR B 161 19.60 0.73 -15.10
CA THR B 161 20.33 0.45 -16.33
C THR B 161 21.46 -0.54 -16.08
N THR B 162 21.67 -0.94 -14.83
CA THR B 162 22.65 -1.97 -14.49
C THR B 162 22.09 -3.02 -13.51
N PRO B 163 22.92 -4.01 -13.12
CA PRO B 163 22.45 -5.06 -12.20
C PRO B 163 22.27 -4.56 -10.76
N ASP B 164 22.94 -3.47 -10.41
CA ASP B 164 22.85 -2.93 -9.04
C ASP B 164 21.92 -1.72 -8.97
N THR B 165 20.95 -1.79 -8.07
CA THR B 165 20.03 -0.68 -7.86
C THR B 165 20.23 -0.12 -6.45
N PRO B 166 20.51 1.19 -6.33
CA PRO B 166 20.65 1.76 -4.99
C PRO B 166 19.35 1.67 -4.20
N GLU B 167 19.47 1.70 -2.87
CA GLU B 167 18.32 1.67 -2.01
CA GLU B 167 18.32 1.66 -2.00
C GLU B 167 17.55 2.99 -2.07
N GLU B 168 18.29 4.08 -1.96
N GLU B 168 18.31 4.08 -2.03
CA GLU B 168 17.68 5.40 -1.94
CA GLU B 168 17.76 5.42 -1.96
C GLU B 168 17.19 5.77 -3.34
C GLU B 168 17.36 5.95 -3.35
N PRO B 169 16.28 6.75 -3.42
CA PRO B 169 15.95 7.33 -4.74
C PRO B 169 17.05 8.28 -5.19
N ASP B 170 17.05 8.60 -6.48
CA ASP B 170 18.06 9.50 -7.02
C ASP B 170 17.60 10.93 -6.91
N LEU B 171 17.85 11.53 -5.75
CA LEU B 171 17.49 12.91 -5.52
C LEU B 171 18.37 13.92 -6.27
N PRO B 172 19.69 13.72 -6.30
CA PRO B 172 20.51 14.68 -7.05
C PRO B 172 20.12 14.82 -8.53
N LEU B 173 19.71 13.73 -9.17
CA LEU B 173 19.27 13.82 -10.56
C LEU B 173 18.05 14.75 -10.72
N VAL B 174 17.12 14.69 -9.77
CA VAL B 174 15.96 15.60 -9.80
C VAL B 174 16.45 17.06 -9.83
N LYS B 175 17.37 17.38 -8.93
CA LYS B 175 17.83 18.76 -8.81
C LYS B 175 18.62 19.17 -10.04
N ALA B 176 19.51 18.31 -10.51
CA ALA B 176 20.30 18.67 -11.69
C ALA B 176 19.41 18.91 -12.92
N LEU B 177 18.46 18.02 -13.17
CA LEU B 177 17.58 18.19 -14.32
C LEU B 177 16.70 19.42 -14.15
N HIS B 178 16.18 19.62 -12.95
CA HIS B 178 15.37 20.81 -12.73
C HIS B 178 16.15 22.11 -12.99
N ASP B 179 17.38 22.16 -12.49
CA ASP B 179 18.15 23.39 -12.61
C ASP B 179 18.47 23.67 -14.08
N ALA B 180 18.59 22.60 -14.88
CA ALA B 180 18.86 22.75 -16.31
C ALA B 180 17.61 23.12 -17.12
N GLY B 181 16.49 23.31 -16.44
CA GLY B 181 15.26 23.77 -17.09
C GLY B 181 14.23 22.69 -17.41
N CYS B 182 14.48 21.47 -16.95
CA CYS B 182 13.52 20.39 -17.20
C CYS B 182 12.32 20.43 -16.25
N ARG B 183 11.17 19.98 -16.77
CA ARG B 183 10.00 19.73 -15.95
CA ARG B 183 9.99 19.73 -15.94
C ARG B 183 10.12 18.28 -15.50
N VAL B 184 10.48 18.07 -14.24
CA VAL B 184 10.88 16.75 -13.76
C VAL B 184 9.79 16.07 -12.96
N ILE B 185 9.49 14.83 -13.31
CA ILE B 185 8.69 13.99 -12.44
C ILE B 185 9.68 13.01 -11.80
N ALA B 186 9.79 13.09 -10.48
CA ALA B 186 10.67 12.19 -9.75
C ALA B 186 9.97 10.85 -9.66
N GLU B 187 10.66 9.77 -10.01
CA GLU B 187 10.04 8.45 -10.02
C GLU B 187 11.13 7.40 -9.79
N GLY B 188 10.87 6.51 -8.84
CA GLY B 188 11.78 5.41 -8.54
C GLY B 188 12.17 5.42 -7.07
N ARG B 189 11.59 4.50 -6.31
CA ARG B 189 11.98 4.25 -4.92
C ARG B 189 11.60 5.33 -3.93
N TYR B 190 10.56 6.10 -4.26
CA TYR B 190 10.04 7.09 -3.30
C TYR B 190 9.12 6.39 -2.33
N ASN B 191 9.74 5.58 -1.47
CA ASN B 191 9.00 4.59 -0.69
C ASN B 191 8.43 5.10 0.61
N SER B 192 8.70 6.37 0.93
CA SER B 192 8.08 7.04 2.07
C SER B 192 7.62 8.42 1.64
N PRO B 193 6.59 8.95 2.33
CA PRO B 193 6.21 10.35 2.10
C PRO B 193 7.38 11.32 2.28
N ALA B 194 8.24 11.10 3.27
CA ALA B 194 9.38 11.98 3.47
C ALA B 194 10.30 12.05 2.24
N LEU B 195 10.52 10.92 1.59
CA LEU B 195 11.38 10.91 0.41
C LEU B 195 10.71 11.67 -0.73
N ALA B 196 9.41 11.44 -0.89
CA ALA B 196 8.66 12.20 -1.89
C ALA B 196 8.75 13.72 -1.65
N ALA B 197 8.62 14.14 -0.39
CA ALA B 197 8.75 15.55 -0.05
C ALA B 197 10.11 16.09 -0.41
N GLU B 198 11.16 15.28 -0.17
CA GLU B 198 12.48 15.73 -0.56
C GLU B 198 12.59 15.98 -2.07
N ALA B 199 11.94 15.15 -2.88
CA ALA B 199 11.96 15.39 -4.32
C ALA B 199 11.37 16.76 -4.67
N ILE B 200 10.23 17.10 -4.05
CA ILE B 200 9.66 18.44 -4.25
C ILE B 200 10.66 19.51 -3.79
N ARG B 201 11.30 19.31 -2.65
CA ARG B 201 12.27 20.29 -2.16
C ARG B 201 13.41 20.52 -3.16
N TYR B 202 13.83 19.48 -3.86
N TYR B 202 13.81 19.43 -3.83
CA TYR B 202 14.95 19.65 -4.80
CA TYR B 202 14.91 19.39 -4.82
C TYR B 202 14.49 19.98 -6.20
C TYR B 202 14.48 19.97 -6.18
N GLY B 203 13.19 20.21 -6.37
CA GLY B 203 12.73 20.79 -7.62
C GLY B 203 11.79 19.95 -8.47
N ALA B 204 11.37 18.79 -7.99
CA ALA B 204 10.43 17.97 -8.76
C ALA B 204 9.11 18.72 -9.00
N TRP B 205 8.58 18.57 -10.20
CA TRP B 205 7.25 19.07 -10.54
C TRP B 205 6.17 18.21 -9.89
N ALA B 206 6.35 16.89 -9.97
CA ALA B 206 5.44 15.95 -9.33
C ALA B 206 6.23 14.71 -8.98
N VAL B 207 5.62 13.81 -8.18
CA VAL B 207 6.32 12.59 -7.75
C VAL B 207 5.45 11.40 -8.06
N THR B 208 6.00 10.43 -8.78
CA THR B 208 5.27 9.20 -9.04
C THR B 208 5.71 8.13 -8.07
N VAL B 209 4.75 7.48 -7.42
CA VAL B 209 5.00 6.39 -6.48
C VAL B 209 4.23 5.16 -6.97
N GLY B 210 4.94 4.04 -7.04
CA GLY B 210 4.36 2.76 -7.47
C GLY B 210 4.36 1.80 -6.30
N SER B 211 5.50 1.13 -6.09
CA SER B 211 5.55 -0.04 -5.18
C SER B 211 4.93 0.22 -3.81
N ALA B 212 5.24 1.38 -3.20
CA ALA B 212 4.80 1.66 -1.82
C ALA B 212 3.29 1.87 -1.68
N ILE B 213 2.59 1.96 -2.82
CA ILE B 213 1.15 2.11 -2.81
C ILE B 213 0.47 0.90 -3.45
N THR B 214 0.97 0.47 -4.62
CA THR B 214 0.24 -0.51 -5.42
C THR B 214 0.89 -1.86 -5.68
N ARG B 215 1.99 -2.17 -4.98
CA ARG B 215 2.58 -3.50 -5.07
C ARG B 215 2.55 -4.15 -3.69
N LEU B 216 1.41 -4.74 -3.34
CA LEU B 216 1.22 -5.30 -2.00
C LEU B 216 2.35 -6.25 -1.62
N GLU B 217 2.73 -7.14 -2.53
CA GLU B 217 3.74 -8.14 -2.20
C GLU B 217 5.10 -7.51 -1.94
N HIS B 218 5.39 -6.41 -2.64
CA HIS B 218 6.67 -5.72 -2.45
CA HIS B 218 6.66 -5.70 -2.46
C HIS B 218 6.70 -5.02 -1.09
N ILE B 219 5.61 -4.36 -0.71
CA ILE B 219 5.52 -3.74 0.61
C ILE B 219 5.69 -4.82 1.67
N CYS B 220 4.99 -5.95 1.49
CA CYS B 220 5.08 -7.02 2.47
C CYS B 220 6.52 -7.50 2.59
N GLY B 221 7.22 -7.56 1.46
CA GLY B 221 8.63 -8.03 1.47
C GLY B 221 9.49 -7.07 2.30
N TRP B 222 9.26 -5.78 2.14
CA TRP B 222 9.99 -4.80 2.97
C TRP B 222 9.74 -5.03 4.47
N TYR B 223 8.48 -5.22 4.84
CA TYR B 223 8.17 -5.49 6.23
C TYR B 223 8.83 -6.77 6.71
N ASN B 224 8.74 -7.84 5.92
CA ASN B 224 9.32 -9.11 6.33
C ASN B 224 10.83 -8.98 6.53
N ASP B 225 11.50 -8.29 5.62
CA ASP B 225 12.95 -8.16 5.73
C ASP B 225 13.30 -7.45 7.05
N ALA B 226 12.56 -6.39 7.34
CA ALA B 226 12.79 -5.63 8.57
C ALA B 226 12.46 -6.44 9.82
N LEU B 227 11.35 -7.16 9.78
CA LEU B 227 10.94 -8.01 10.93
C LEU B 227 11.96 -9.10 11.22
N LYS B 228 12.42 -9.76 10.18
CA LYS B 228 13.45 -10.81 10.33
C LYS B 228 14.73 -10.24 10.88
N LYS B 229 15.15 -9.10 10.35
CA LYS B 229 16.42 -8.52 10.79
C LYS B 229 16.39 -8.14 12.27
N ALA B 230 15.24 -7.65 12.72
CA ALA B 230 15.08 -7.19 14.11
C ALA B 230 15.05 -8.33 15.12
N ALA B 231 14.73 -9.54 14.66
CA ALA B 231 14.74 -10.67 15.55
C ALA B 231 16.22 -11.08 15.74
N SER B 232 16.64 -11.19 16.99
CA SER B 232 15.88 -10.71 18.13
C SER B 232 16.55 -11.13 19.44
C1 16G C . -7.43 2.09 13.67
C2 16G C . -7.46 1.04 12.56
C3 16G C . -8.85 0.46 12.43
C4 16G C . -9.39 0.01 13.78
C5 16G C . -9.27 1.13 14.81
C6 16G C . -9.81 0.62 16.15
C7 16G C . -6.64 0.72 10.31
C8 16G C . -6.35 1.36 8.99
N2 16G C . -7.11 1.54 11.24
O1 16G C . -8.24 3.21 13.29
O3 16G C . -8.75 -0.66 11.53
O4 16G C . -10.78 -0.33 13.68
O5 16G C . -7.91 1.55 14.90
O6 16G C . -10.40 1.70 16.90
O7 16G C . -6.41 -0.48 10.53
P 16G C . -12.01 1.90 17.07
O1P 16G C . -12.52 2.39 15.76
O2P 16G C . -12.27 3.01 18.19
O3P 16G C . -12.68 0.47 17.34
S SO4 D . -6.25 5.22 24.79
O1 SO4 D . -6.74 5.08 26.17
O2 SO4 D . -7.23 4.82 23.81
O3 SO4 D . -5.89 6.63 24.62
O4 SO4 D . -5.04 4.40 24.65
S SO4 E . -6.77 2.32 31.45
O1 SO4 E . -7.59 2.76 32.58
O2 SO4 E . -7.07 0.92 31.18
O3 SO4 E . -7.04 3.16 30.29
O4 SO4 E . -5.36 2.51 31.81
S SO4 F . -12.39 1.27 10.30
O1 SO4 F . -13.67 2.01 10.42
O2 SO4 F . -12.45 0.25 9.27
O3 SO4 F . -11.38 2.28 9.97
O4 SO4 F . -12.06 0.74 11.61
S SO4 G . -3.07 0.08 11.05
O1 SO4 G . -4.06 0.24 10.03
O2 SO4 G . -1.80 -0.46 10.49
O3 SO4 G . -2.83 1.33 11.70
O4 SO4 G . -3.58 -0.89 12.04
S SO4 H . -23.85 -2.28 11.80
O1 SO4 H . -25.02 -1.70 11.13
O2 SO4 H . -23.16 -3.09 10.80
O3 SO4 H . -23.02 -1.18 12.25
O4 SO4 H . -24.33 -3.12 12.90
S SO4 I . -25.91 -7.53 9.98
O1 SO4 I . -26.54 -7.37 11.29
O2 SO4 I . -26.92 -7.84 8.98
O3 SO4 I . -25.24 -6.28 9.61
O4 SO4 I . -24.93 -8.61 10.02
S SO4 J . -27.14 -21.18 22.31
O1 SO4 J . -28.53 -21.02 22.74
O2 SO4 J . -26.82 -22.60 22.16
O3 SO4 J . -26.96 -20.52 21.02
O4 SO4 J . -26.25 -20.64 23.34
CL CL K . -9.23 -3.78 13.02
S SO4 L . 12.61 -1.09 -17.24
O1 SO4 L . 11.27 -1.15 -16.64
O2 SO4 L . 12.61 -1.82 -18.51
O3 SO4 L . 12.98 0.28 -17.48
O4 SO4 L . 13.58 -1.69 -16.31
S SO4 M . 8.46 2.78 -7.61
O1 SO4 M . 7.78 3.77 -6.76
O2 SO4 M . 7.72 1.56 -7.83
O3 SO4 M . 8.71 3.49 -8.87
O4 SO4 M . 9.74 2.46 -7.00
S SO4 N . 7.71 -4.65 -13.85
O1 SO4 N . 6.33 -4.14 -13.77
O2 SO4 N . 7.76 -5.69 -14.87
O3 SO4 N . 8.59 -3.53 -14.16
O4 SO4 N . 8.10 -5.25 -12.58
S SO4 O . -10.32 9.03 -25.09
O1 SO4 O . -11.61 9.20 -25.77
O2 SO4 O . -9.38 8.37 -25.98
O3 SO4 O . -9.82 10.36 -24.74
O4 SO4 O . -10.52 8.26 -23.85
S SO4 P . 12.60 -3.98 -3.50
O1 SO4 P . 11.66 -4.66 -4.38
O2 SO4 P . 13.93 -3.95 -4.12
O3 SO4 P . 12.17 -2.59 -3.29
O4 SO4 P . 12.67 -4.70 -2.22
S SO4 Q . 21.72 3.48 -13.59
O1 SO4 Q . 22.79 3.57 -14.58
O2 SO4 Q . 20.79 2.43 -13.98
O3 SO4 Q . 22.33 3.14 -12.30
O4 SO4 Q . 21.03 4.76 -13.54
S SO4 R . -0.62 8.83 -39.68
O1 SO4 R . -1.56 9.94 -39.80
O2 SO4 R . -0.44 8.19 -40.99
O3 SO4 R . 0.67 9.32 -39.22
O4 SO4 R . -1.14 7.85 -38.74
CL CL S . 7.22 2.25 -14.83
#